data_7Y7N
#
_entry.id   7Y7N
#
_cell.length_a   47.354
_cell.length_b   47.354
_cell.length_c   135.877
_cell.angle_alpha   90.000
_cell.angle_beta   90.000
_cell.angle_gamma   90.000
#
_symmetry.space_group_name_H-M   'P 41 21 2'
#
loop_
_entity.id
_entity.type
_entity.pdbx_description
1 polymer 'Uncharacterized protein'
2 water water
#
_entity_poly.entity_id   1
_entity_poly.type   'polypeptide(L)'
_entity_poly.pdbx_seq_one_letter_code
;MNFKIKAKGHKNVLSLHKSTFEITKDKDLSLSGDCIIGLDIDKCMLDFPKEFKEKLANDETIVTVKLKSPNAYDEIVGYG
HHDLTLDHPTDIVCRKSDFICSRTLMIKSDKAAIDLNRDLIEDLANGESLDVEIILS
;
_entity_poly.pdbx_strand_id   A
#
# COMPACT_ATOMS: atom_id res chain seq x y z
N MET A 1 7.35 -10.30 -11.75
CA MET A 1 7.60 -10.67 -10.33
C MET A 1 6.71 -9.74 -9.51
N ASN A 2 5.43 -10.03 -9.52
CA ASN A 2 4.43 -9.06 -9.06
C ASN A 2 3.41 -9.73 -8.15
N PHE A 3 2.62 -8.92 -7.49
CA PHE A 3 1.48 -9.38 -6.65
C PHE A 3 0.37 -8.33 -6.78
N LYS A 4 -0.86 -8.76 -7.01
CA LYS A 4 -2.03 -7.86 -7.21
C LYS A 4 -3.02 -7.97 -6.06
N ILE A 5 -3.56 -6.83 -5.67
CA ILE A 5 -4.53 -6.71 -4.55
C ILE A 5 -5.67 -5.83 -5.06
N LYS A 6 -6.90 -6.19 -4.72
CA LYS A 6 -8.08 -5.34 -5.02
C LYS A 6 -8.60 -4.80 -3.71
N ALA A 7 -8.95 -3.53 -3.68
CA ALA A 7 -9.36 -2.87 -2.45
C ALA A 7 -10.61 -2.05 -2.79
N LYS A 8 -11.36 -1.68 -1.78
CA LYS A 8 -12.52 -0.79 -1.99
C LYS A 8 -12.08 0.60 -1.57
N GLY A 9 -12.67 1.59 -2.20
CA GLY A 9 -12.60 2.92 -1.63
C GLY A 9 -13.59 3.07 -0.49
N HIS A 10 -13.69 4.28 0.03
CA HIS A 10 -14.61 4.59 1.18
C HIS A 10 -14.86 6.11 1.20
N LYS A 11 -16.08 6.50 1.55
CA LYS A 11 -16.45 7.94 1.67
C LYS A 11 -15.51 8.68 2.64
N ASN A 12 -14.89 8.02 3.63
CA ASN A 12 -14.03 8.69 4.64
C ASN A 12 -12.53 8.72 4.26
N VAL A 13 -12.13 8.30 3.05
CA VAL A 13 -10.71 8.37 2.62
C VAL A 13 -10.33 9.85 2.51
N LEU A 14 -9.25 10.23 3.17
CA LEU A 14 -8.65 11.59 3.10
C LEU A 14 -7.26 11.55 2.40
N SER A 15 -6.44 10.55 2.74
CA SER A 15 -5.06 10.39 2.21
C SER A 15 -4.23 11.68 2.41
N LEU A 16 -3.98 12.07 3.67
CA LEU A 16 -3.25 13.31 4.06
C LEU A 16 -2.01 12.99 4.90
N HIS A 17 -1.75 11.72 5.23
CA HIS A 17 -0.63 11.36 6.13
C HIS A 17 0.70 11.67 5.45
N LYS A 18 1.67 12.18 6.19
CA LYS A 18 2.92 12.76 5.64
C LYS A 18 4.00 11.69 5.50
N SER A 19 3.88 10.48 6.05
CA SER A 19 5.05 9.56 6.00
C SER A 19 4.65 8.12 5.69
N THR A 20 3.36 7.80 5.59
CA THR A 20 2.89 6.45 5.22
C THR A 20 1.64 6.51 4.34
N PHE A 21 1.35 5.41 3.64
CA PHE A 21 -0.02 5.08 3.23
C PHE A 21 -0.25 3.61 3.51
N GLU A 22 -1.52 3.24 3.62
CA GLU A 22 -1.90 1.95 4.16
C GLU A 22 -3.13 1.42 3.44
N ILE A 23 -3.19 0.11 3.28
CA ILE A 23 -4.42 -0.59 2.83
C ILE A 23 -4.66 -1.70 3.86
N THR A 24 -5.90 -2.07 4.04
CA THR A 24 -6.26 -2.92 5.20
C THR A 24 -7.40 -3.85 4.80
N LYS A 25 -7.46 -4.99 5.44
CA LYS A 25 -8.64 -5.89 5.40
C LYS A 25 -9.84 -5.24 6.12
N ASP A 26 -9.66 -4.24 6.98
CA ASP A 26 -10.79 -3.54 7.66
C ASP A 26 -11.81 -3.11 6.60
N LYS A 27 -13.11 -3.25 6.86
CA LYS A 27 -14.18 -2.89 5.90
C LYS A 27 -14.54 -1.42 6.02
N ASP A 28 -14.38 -0.84 7.20
CA ASP A 28 -14.86 0.53 7.53
C ASP A 28 -13.63 1.40 7.84
N LEU A 29 -13.78 2.71 7.72
CA LEU A 29 -12.67 3.68 7.91
C LEU A 29 -13.17 4.81 8.81
N SER A 30 -12.52 5.00 9.95
CA SER A 30 -12.86 6.10 10.87
C SER A 30 -12.62 7.41 10.14
N LEU A 31 -13.20 8.48 10.70
CA LEU A 31 -13.12 9.86 10.18
C LEU A 31 -11.66 10.33 10.22
N SER A 32 -10.88 9.82 11.19
CA SER A 32 -9.48 10.26 11.46
C SER A 32 -8.43 9.28 10.89
N GLY A 33 -8.80 8.33 10.02
CA GLY A 33 -7.88 7.34 9.41
C GLY A 33 -7.16 7.86 8.14
N ASP A 34 -6.39 8.97 8.24
CA ASP A 34 -5.86 9.80 7.11
C ASP A 34 -4.71 9.17 6.31
N CYS A 35 -4.18 8.00 6.70
CA CYS A 35 -3.16 7.26 5.90
C CYS A 35 -3.82 6.12 5.11
N ILE A 36 -5.08 5.77 5.37
CA ILE A 36 -5.67 4.58 4.70
C ILE A 36 -6.30 4.99 3.39
N ILE A 37 -6.01 4.23 2.34
CA ILE A 37 -6.54 4.51 0.99
C ILE A 37 -7.30 3.32 0.44
N GLY A 38 -7.19 2.13 1.05
CA GLY A 38 -7.87 0.96 0.51
C GLY A 38 -8.40 0.10 1.63
N LEU A 39 -9.64 -0.35 1.48
CA LEU A 39 -10.36 -1.17 2.49
C LEU A 39 -10.73 -2.53 1.96
N ASP A 40 -11.03 -3.45 2.89
CA ASP A 40 -11.54 -4.79 2.55
C ASP A 40 -10.65 -5.44 1.50
N ILE A 41 -9.33 -5.39 1.64
CA ILE A 41 -8.44 -5.91 0.57
C ILE A 41 -8.68 -7.43 0.48
N ASP A 42 -8.55 -7.97 -0.71
CA ASP A 42 -8.79 -9.41 -0.96
C ASP A 42 -7.63 -10.25 -0.41
N LYS A 43 -6.41 -9.72 -0.38
CA LYS A 43 -5.17 -10.48 -0.10
C LYS A 43 -4.29 -9.62 0.81
N CYS A 44 -3.62 -10.23 1.77
CA CYS A 44 -2.69 -9.52 2.66
C CYS A 44 -1.28 -10.10 2.47
N MET A 45 -0.31 -9.64 3.28
CA MET A 45 1.11 -10.03 3.10
C MET A 45 1.22 -11.52 3.40
N LEU A 46 0.32 -12.08 4.20
CA LEU A 46 0.37 -13.54 4.45
C LEU A 46 0.07 -14.33 3.17
N ASP A 47 -0.56 -13.74 2.17
CA ASP A 47 -0.88 -14.40 0.88
C ASP A 47 0.26 -14.29 -0.16
N PHE A 48 1.34 -13.55 0.10
CA PHE A 48 2.48 -13.44 -0.83
C PHE A 48 3.12 -14.82 -0.97
N PRO A 49 3.39 -15.28 -2.20
CA PRO A 49 4.13 -16.51 -2.39
C PRO A 49 5.55 -16.33 -1.83
N LYS A 50 6.15 -17.46 -1.50
CA LYS A 50 7.51 -17.58 -0.90
C LYS A 50 8.53 -16.77 -1.72
N GLU A 51 8.49 -16.88 -3.03
CA GLU A 51 9.52 -16.32 -3.97
C GLU A 51 9.42 -14.80 -3.93
N PHE A 52 8.21 -14.30 -3.78
CA PHE A 52 7.93 -12.85 -3.71
C PHE A 52 8.44 -12.32 -2.37
N LYS A 53 8.14 -13.01 -1.26
CA LYS A 53 8.55 -12.63 0.12
C LYS A 53 10.08 -12.61 0.22
N GLU A 54 10.74 -13.62 -0.34
CA GLU A 54 12.22 -13.77 -0.28
C GLU A 54 12.89 -12.63 -1.04
N LYS A 55 12.39 -12.31 -2.23
CA LYS A 55 12.96 -11.22 -3.04
C LYS A 55 12.63 -9.87 -2.37
N LEU A 56 11.41 -9.68 -1.86
CA LEU A 56 11.04 -8.40 -1.21
C LEU A 56 11.96 -8.13 0.01
N ALA A 57 12.24 -9.14 0.81
CA ALA A 57 13.01 -8.99 2.06
C ALA A 57 14.50 -9.04 1.70
N ASN A 58 14.94 -8.09 0.87
CA ASN A 58 16.32 -8.01 0.33
C ASN A 58 16.69 -6.54 0.13
N ASP A 59 17.88 -6.16 0.61
CA ASP A 59 18.40 -4.76 0.63
C ASP A 59 18.56 -4.23 -0.79
N GLU A 60 18.61 -5.09 -1.82
CA GLU A 60 18.86 -4.72 -3.23
C GLU A 60 17.54 -4.57 -3.99
N THR A 61 16.41 -4.90 -3.36
CA THR A 61 15.15 -4.96 -4.09
C THR A 61 14.56 -3.54 -4.19
N ILE A 62 14.05 -3.22 -5.37
CA ILE A 62 13.27 -1.99 -5.70
C ILE A 62 11.80 -2.44 -5.79
N VAL A 63 10.94 -1.72 -5.13
CA VAL A 63 9.52 -2.10 -4.95
C VAL A 63 8.68 -1.02 -5.61
N THR A 64 7.98 -1.34 -6.69
CA THR A 64 7.11 -0.41 -7.40
C THR A 64 5.67 -0.77 -6.99
N VAL A 65 4.94 0.20 -6.45
CA VAL A 65 3.50 0.05 -6.13
C VAL A 65 2.71 0.92 -7.09
N LYS A 66 1.97 0.27 -7.97
CA LYS A 66 1.03 0.90 -8.89
C LYS A 66 -0.38 0.90 -8.29
N LEU A 67 -0.97 2.07 -8.28
CA LEU A 67 -2.35 2.31 -7.80
C LEU A 67 -3.23 2.71 -8.97
N LYS A 68 -4.36 2.06 -9.13
CA LYS A 68 -5.25 2.44 -10.25
C LYS A 68 -6.69 2.51 -9.74
N SER A 69 -7.36 3.60 -10.06
CA SER A 69 -8.81 3.76 -9.88
C SER A 69 -9.38 3.93 -11.27
N PRO A 70 -10.71 4.01 -11.43
CA PRO A 70 -11.29 4.04 -12.78
C PRO A 70 -10.70 5.17 -13.65
N ASN A 71 -10.42 6.34 -13.09
CA ASN A 71 -10.08 7.56 -13.86
C ASN A 71 -8.63 7.98 -13.67
N ALA A 72 -7.87 7.30 -12.81
CA ALA A 72 -6.60 7.84 -12.34
C ALA A 72 -5.64 6.70 -11.98
N TYR A 73 -4.37 7.04 -11.97
CA TYR A 73 -3.31 6.11 -11.54
C TYR A 73 -2.22 6.89 -10.82
N ASP A 74 -1.46 6.16 -10.02
CA ASP A 74 -0.24 6.70 -9.41
C ASP A 74 0.74 5.55 -9.23
N GLU A 75 1.98 5.90 -8.94
CA GLU A 75 3.08 4.94 -8.82
C GLU A 75 3.97 5.43 -7.70
N ILE A 76 4.27 4.53 -6.78
CA ILE A 76 5.16 4.76 -5.60
C ILE A 76 6.34 3.84 -5.74
N VAL A 77 7.55 4.33 -5.53
CA VAL A 77 8.70 3.43 -5.50
C VAL A 77 9.33 3.48 -4.10
N GLY A 78 9.49 2.32 -3.50
CA GLY A 78 10.18 2.14 -2.22
C GLY A 78 11.11 0.95 -2.35
N TYR A 79 11.61 0.47 -1.23
CA TYR A 79 12.80 -0.40 -1.18
C TYR A 79 12.56 -1.58 -0.27
N GLY A 80 13.14 -2.71 -0.66
CA GLY A 80 13.22 -3.88 0.20
C GLY A 80 14.23 -3.72 1.32
N HIS A 81 14.24 -4.68 2.24
CA HIS A 81 15.20 -4.76 3.39
C HIS A 81 15.14 -6.17 3.98
N HIS A 82 16.28 -6.67 4.45
CA HIS A 82 16.39 -8.06 4.96
C HIS A 82 15.54 -8.18 6.24
N ASP A 83 15.28 -7.06 6.91
CA ASP A 83 14.52 -7.02 8.19
C ASP A 83 12.99 -7.03 7.99
N LEU A 84 12.47 -6.88 6.77
CA LEU A 84 11.00 -6.99 6.55
C LEU A 84 10.53 -8.39 6.96
N THR A 85 9.40 -8.49 7.68
CA THR A 85 8.80 -9.78 8.08
C THR A 85 7.45 -10.04 7.38
N LEU A 86 6.76 -9.01 6.85
CA LEU A 86 5.63 -9.22 5.89
C LEU A 86 4.60 -10.21 6.45
N ASP A 87 4.23 -10.08 7.71
CA ASP A 87 3.41 -11.14 8.35
C ASP A 87 2.24 -10.58 9.15
N HIS A 88 1.96 -9.28 9.12
CA HIS A 88 0.69 -8.79 9.71
C HIS A 88 -0.49 -9.38 8.93
N PRO A 89 -1.55 -9.84 9.62
CA PRO A 89 -2.68 -10.47 8.94
C PRO A 89 -3.68 -9.54 8.25
N THR A 90 -3.69 -8.24 8.55
CA THR A 90 -4.79 -7.34 8.11
C THR A 90 -4.27 -6.02 7.44
N ASP A 91 -3.06 -5.54 7.74
CA ASP A 91 -2.65 -4.18 7.32
C ASP A 91 -1.39 -4.25 6.45
N ILE A 92 -1.27 -3.30 5.53
CA ILE A 92 -0.07 -3.20 4.66
C ILE A 92 0.26 -1.73 4.58
N VAL A 93 1.46 -1.38 5.03
CA VAL A 93 1.95 0.02 5.18
C VAL A 93 3.20 0.23 4.32
N CYS A 94 3.18 1.27 3.50
CA CYS A 94 4.36 1.72 2.73
C CYS A 94 4.90 2.93 3.46
N ARG A 95 6.20 2.97 3.76
CA ARG A 95 6.76 4.05 4.62
C ARG A 95 7.84 4.85 3.89
N LYS A 96 7.87 6.15 4.16
CA LYS A 96 8.97 7.05 3.77
C LYS A 96 10.19 6.81 4.68
N SER A 97 10.03 6.51 5.97
CA SER A 97 11.17 6.22 6.87
C SER A 97 11.72 4.82 6.56
N ASP A 98 12.76 4.40 7.31
CA ASP A 98 13.33 3.03 7.26
C ASP A 98 12.84 2.24 8.48
N PHE A 99 11.80 2.70 9.15
CA PHE A 99 11.16 1.98 10.27
C PHE A 99 10.53 0.69 9.74
N ILE A 100 10.73 -0.43 10.42
CA ILE A 100 10.20 -1.73 9.96
C ILE A 100 9.39 -2.37 11.10
N CYS A 101 8.18 -2.82 10.78
CA CYS A 101 7.28 -3.61 11.68
C CYS A 101 6.63 -4.68 10.82
N SER A 102 5.79 -5.53 11.41
CA SER A 102 5.15 -6.65 10.70
C SER A 102 4.20 -6.16 9.58
N ARG A 103 3.77 -4.90 9.61
CA ARG A 103 2.82 -4.33 8.62
C ARG A 103 3.60 -3.69 7.45
N THR A 104 4.91 -3.50 7.58
CA THR A 104 5.71 -2.70 6.61
C THR A 104 5.97 -3.50 5.31
N LEU A 105 5.53 -2.97 4.18
CA LEU A 105 5.75 -3.60 2.86
C LEU A 105 7.10 -3.17 2.32
N MET A 106 7.42 -1.90 2.48
CA MET A 106 8.63 -1.34 1.85
C MET A 106 9.01 -0.09 2.61
N ILE A 107 10.27 0.32 2.47
CA ILE A 107 10.79 1.50 3.20
C ILE A 107 11.35 2.52 2.22
N LYS A 108 11.61 3.71 2.77
CA LYS A 108 12.24 4.84 2.03
C LYS A 108 11.48 5.09 0.74
N SER A 109 10.15 5.10 0.82
CA SER A 109 9.27 5.30 -0.36
C SER A 109 9.36 6.78 -0.76
N ASP A 110 9.12 7.07 -2.04
CA ASP A 110 9.14 8.46 -2.55
C ASP A 110 7.87 9.19 -2.16
N LYS A 111 6.78 8.49 -1.85
CA LYS A 111 5.47 9.13 -1.65
C LYS A 111 4.79 8.57 -0.39
N ALA A 112 4.18 9.48 0.34
CA ALA A 112 3.22 9.16 1.41
C ALA A 112 1.81 9.44 0.91
N ALA A 113 0.79 9.20 1.73
CA ALA A 113 -0.63 9.39 1.35
C ALA A 113 -0.85 10.83 0.84
N ILE A 114 -0.29 11.81 1.53
CA ILE A 114 -0.40 13.25 1.14
C ILE A 114 0.10 13.47 -0.29
N ASP A 115 1.09 12.69 -0.75
CA ASP A 115 1.70 12.92 -2.09
C ASP A 115 0.84 12.32 -3.21
N LEU A 116 -0.10 11.47 -2.88
CA LEU A 116 -0.87 10.69 -3.89
C LEU A 116 -1.73 11.65 -4.71
N ASN A 117 -1.85 11.34 -5.99
CA ASN A 117 -2.76 11.94 -6.99
C ASN A 117 -4.16 12.21 -6.42
N ARG A 118 -4.63 13.45 -6.50
CA ARG A 118 -5.90 13.83 -5.86
C ARG A 118 -7.06 13.28 -6.69
N ASP A 119 -6.89 13.04 -7.99
CA ASP A 119 -7.95 12.41 -8.81
C ASP A 119 -8.14 10.95 -8.35
N LEU A 120 -7.06 10.27 -8.03
CA LEU A 120 -7.18 8.89 -7.50
C LEU A 120 -7.92 8.93 -6.16
N ILE A 121 -7.53 9.84 -5.28
CA ILE A 121 -8.19 10.02 -3.95
C ILE A 121 -9.67 10.43 -4.13
N GLU A 122 -10.05 11.24 -5.12
CA GLU A 122 -11.49 11.61 -5.26
C GLU A 122 -12.27 10.38 -5.77
N ASP A 123 -11.64 9.54 -6.59
CA ASP A 123 -12.25 8.26 -7.02
C ASP A 123 -12.49 7.40 -5.77
N LEU A 124 -11.47 7.26 -4.93
CA LEU A 124 -11.54 6.39 -3.71
C LEU A 124 -12.61 6.94 -2.75
N ALA A 125 -12.65 8.27 -2.56
CA ALA A 125 -13.61 8.92 -1.63
C ALA A 125 -15.04 8.89 -2.22
N ASN A 126 -15.24 8.60 -3.51
CA ASN A 126 -16.58 8.33 -4.08
C ASN A 126 -16.82 6.82 -4.03
N GLY A 127 -16.01 6.09 -3.26
CA GLY A 127 -16.08 4.62 -3.12
C GLY A 127 -15.90 3.87 -4.42
N GLU A 128 -15.13 4.40 -5.40
CA GLU A 128 -14.62 3.59 -6.54
C GLU A 128 -13.61 2.57 -5.99
N SER A 129 -13.33 1.54 -6.77
CA SER A 129 -12.44 0.44 -6.36
C SER A 129 -10.98 0.83 -6.69
N LEU A 130 -10.07 0.19 -5.98
CA LEU A 130 -8.61 0.45 -6.05
C LEU A 130 -7.97 -0.83 -6.53
N ASP A 131 -7.18 -0.77 -7.59
CA ASP A 131 -6.31 -1.89 -7.99
C ASP A 131 -4.89 -1.57 -7.53
N VAL A 132 -4.26 -2.51 -6.83
CA VAL A 132 -2.86 -2.34 -6.34
C VAL A 132 -2.01 -3.42 -7.01
N GLU A 133 -0.87 -3.03 -7.58
CA GLU A 133 0.08 -4.01 -8.12
C GLU A 133 1.42 -3.72 -7.50
N ILE A 134 2.07 -4.75 -6.94
CA ILE A 134 3.38 -4.60 -6.27
C ILE A 134 4.38 -5.34 -7.17
N ILE A 135 5.43 -4.65 -7.62
CA ILE A 135 6.37 -5.17 -8.63
C ILE A 135 7.79 -5.09 -8.04
N LEU A 136 8.54 -6.20 -8.09
CA LEU A 136 9.88 -6.27 -7.51
C LEU A 136 10.91 -6.21 -8.66
N SER A 137 11.93 -5.39 -8.53
CA SER A 137 13.02 -5.30 -9.57
C SER A 137 14.38 -5.02 -8.91
#